data_1U7C
#
_entry.id   1U7C
#
_cell.length_a   95.700
_cell.length_b   95.700
_cell.length_c   94.600
_cell.angle_alpha   90.00
_cell.angle_beta   90.00
_cell.angle_gamma   120.00
#
_symmetry.space_group_name_H-M   'P 63'
#
loop_
_entity.id
_entity.type
_entity.pdbx_description
1 polymer 'Probable ammonium transporter'
2 non-polymer METHYLAMINE
3 water water
#
_entity_poly.entity_id   1
_entity_poly.type   'polypeptide(L)'
_entity_poly.pdbx_seq_one_letter_code
;APAVADKADNAF(MSE)(MSE)ICTALVLF(MSE)TIPGIALFYGGLIRGKNVLS(MSE)LTQVTVTFALVCILWVVYGY
SLASGEGNNFFGNINWL(MSE)LKNIELTAV(MSE)GSIYQYIHVAFQGSFACITVGLIVGALAERIRFPAVLIFVVVWL
TLSYIPIAH(MSE)VWGGGLLASHGALDFAGGTVVHINAAIAGLVGAYLIGKRVGFGKEAFKPHNLP(MSE)VFTGTAIL
YIGWFGFNAGSAGTANEIAALAFVNTVVATAAAILGWIFGEWALRGLPSLLGACSGAIAGLVGVTPACGYIGVGGALIIG
VVAGLAGLWGVT(MSE)LKRLLRVDDPCDVFGVHGVCGIVGCI(MSE)TGIFAASSLGGVGFAEGVT(MSE)GHQLLVQL
ESIAITIVWSGVVAFIGYKLADLTVGLRV
;
_entity_poly.pdbx_strand_id   A
#
# COMPACT_ATOMS: atom_id res chain seq x y z
N ALA A 3 -7.53 25.58 -13.20
CA ALA A 3 -6.64 26.70 -12.81
C ALA A 3 -5.40 26.73 -13.70
N VAL A 4 -4.28 27.17 -13.12
CA VAL A 4 -3.02 27.24 -13.85
C VAL A 4 -1.99 26.35 -13.18
N ALA A 5 -1.32 25.52 -13.97
CA ALA A 5 -0.33 24.60 -13.44
C ALA A 5 0.94 25.30 -12.97
N ASP A 6 1.48 24.82 -11.86
CA ASP A 6 2.72 25.35 -11.30
C ASP A 6 3.77 24.37 -11.81
N LYS A 7 4.72 24.84 -12.59
CA LYS A 7 5.74 23.95 -13.14
C LYS A 7 6.56 23.25 -12.07
N ALA A 8 6.77 23.90 -10.93
CA ALA A 8 7.53 23.28 -9.85
C ALA A 8 6.75 22.06 -9.38
N ASP A 9 5.43 22.21 -9.24
CA ASP A 9 4.61 21.10 -8.81
C ASP A 9 4.56 20.03 -9.90
N ASN A 10 4.49 20.45 -11.16
CA ASN A 10 4.47 19.49 -12.27
C ASN A 10 5.73 18.63 -12.19
N ALA A 11 6.87 19.31 -12.04
CA ALA A 11 8.15 18.64 -11.96
C ALA A 11 8.19 17.70 -10.77
N PHE A 12 7.83 18.23 -9.60
CA PHE A 12 7.83 17.44 -8.39
C PHE A 12 6.95 16.19 -8.54
N ILE A 15 8.27 13.49 -11.00
CA ILE A 15 9.36 12.74 -10.39
C ILE A 15 8.81 11.82 -9.32
N CYS A 16 7.87 12.33 -8.52
CA CYS A 16 7.28 11.50 -7.46
C CYS A 16 6.58 10.31 -8.11
N THR A 17 5.97 10.52 -9.26
CA THR A 17 5.31 9.41 -9.95
C THR A 17 6.34 8.38 -10.37
N ALA A 18 7.46 8.84 -10.92
CA ALA A 18 8.53 7.93 -11.32
C ALA A 18 8.98 7.14 -10.10
N LEU A 19 9.09 7.83 -8.97
CA LEU A 19 9.52 7.18 -7.73
C LEU A 19 8.51 6.12 -7.31
N VAL A 20 7.23 6.42 -7.44
CA VAL A 20 6.23 5.43 -7.05
C VAL A 20 6.28 4.24 -8.01
N LEU A 21 6.49 4.50 -9.30
CA LEU A 21 6.57 3.40 -10.26
C LEU A 21 7.77 2.53 -9.92
N PHE A 22 8.85 3.17 -9.49
CA PHE A 22 10.09 2.51 -9.09
C PHE A 22 9.81 1.51 -7.96
N THR A 24 7.27 -0.40 -7.67
CA THR A 24 6.79 -1.66 -8.22
C THR A 24 7.85 -2.27 -9.11
N ILE A 25 8.36 -1.46 -10.02
CA ILE A 25 9.35 -1.85 -11.01
C ILE A 25 10.64 -1.11 -10.67
N PRO A 26 11.59 -1.79 -10.01
CA PRO A 26 11.61 -3.18 -9.56
C PRO A 26 11.43 -3.40 -8.06
N GLY A 27 11.19 -2.34 -7.31
CA GLY A 27 11.09 -2.46 -5.87
C GLY A 27 10.43 -3.69 -5.25
N ILE A 28 9.12 -3.79 -5.42
CA ILE A 28 8.38 -4.88 -4.84
C ILE A 28 8.77 -6.23 -5.42
N ALA A 29 9.19 -6.23 -6.69
CA ALA A 29 9.60 -7.47 -7.34
C ALA A 29 10.86 -8.01 -6.70
N LEU A 30 11.83 -7.14 -6.44
CA LEU A 30 13.07 -7.55 -5.80
C LEU A 30 12.77 -7.96 -4.37
N PHE A 31 11.89 -7.19 -3.73
CA PHE A 31 11.50 -7.46 -2.35
C PHE A 31 11.02 -8.90 -2.22
N TYR A 32 10.04 -9.26 -3.02
CA TYR A 32 9.52 -10.61 -2.97
C TYR A 32 10.49 -11.61 -3.55
N GLY A 33 11.30 -11.17 -4.50
CA GLY A 33 12.27 -12.05 -5.11
C GLY A 33 13.17 -12.68 -4.06
N GLY A 34 13.45 -11.93 -3.00
CA GLY A 34 14.30 -12.45 -1.95
C GLY A 34 13.56 -13.26 -0.90
N LEU A 35 12.23 -13.30 -1.01
CA LEU A 35 11.41 -14.04 -0.06
C LEU A 35 10.86 -15.35 -0.61
N ILE A 36 10.94 -15.53 -1.92
CA ILE A 36 10.44 -16.77 -2.50
C ILE A 36 11.60 -17.63 -2.98
N ARG A 37 11.32 -18.92 -3.16
CA ARG A 37 12.31 -19.87 -3.62
C ARG A 37 12.73 -19.53 -5.05
N GLY A 38 14.01 -19.69 -5.34
CA GLY A 38 14.52 -19.38 -6.65
C GLY A 38 13.75 -19.98 -7.79
N LYS A 39 13.16 -21.16 -7.57
CA LYS A 39 12.41 -21.85 -8.60
C LYS A 39 11.17 -21.08 -9.08
N ASN A 40 10.67 -20.17 -8.25
CA ASN A 40 9.48 -19.41 -8.62
C ASN A 40 9.73 -17.94 -8.89
N VAL A 41 10.97 -17.49 -8.75
CA VAL A 41 11.28 -16.09 -8.97
C VAL A 41 10.94 -15.59 -10.37
N LEU A 42 11.33 -16.33 -11.39
CA LEU A 42 11.04 -15.90 -12.75
C LEU A 42 9.55 -15.75 -12.99
N SER A 43 8.76 -16.72 -12.50
CA SER A 43 7.32 -16.66 -12.67
C SER A 43 6.75 -15.44 -11.95
N LEU A 45 8.33 -12.62 -11.15
CA LEU A 45 8.73 -11.40 -11.85
C LEU A 45 7.90 -11.20 -13.10
N THR A 46 7.60 -12.28 -13.79
CA THR A 46 6.80 -12.18 -15.00
C THR A 46 5.40 -11.71 -14.63
N GLN A 47 4.82 -12.31 -13.59
CA GLN A 47 3.50 -11.91 -13.16
C GLN A 47 3.45 -10.46 -12.68
N VAL A 48 4.45 -10.06 -11.92
CA VAL A 48 4.47 -8.69 -11.43
C VAL A 48 4.56 -7.73 -12.60
N THR A 49 5.41 -8.06 -13.57
CA THR A 49 5.60 -7.18 -14.73
C THR A 49 4.37 -7.11 -15.61
N VAL A 50 3.77 -8.25 -15.89
CA VAL A 50 2.59 -8.27 -16.74
C VAL A 50 1.38 -7.65 -16.06
N THR A 51 1.18 -7.95 -14.78
CA THR A 51 0.04 -7.36 -14.08
C THR A 51 0.24 -5.85 -13.93
N PHE A 52 1.50 -5.43 -13.81
CA PHE A 52 1.84 -4.01 -13.71
C PHE A 52 1.37 -3.35 -15.01
N ALA A 53 1.71 -3.97 -16.14
CA ALA A 53 1.32 -3.44 -17.43
C ALA A 53 -0.19 -3.40 -17.52
N LEU A 54 -0.84 -4.48 -17.09
CA LEU A 54 -2.29 -4.56 -17.13
C LEU A 54 -2.92 -3.42 -16.34
N VAL A 55 -2.40 -3.17 -15.13
CA VAL A 55 -2.93 -2.10 -14.30
C VAL A 55 -2.74 -0.75 -14.98
N CYS A 56 -1.56 -0.53 -15.55
CA CYS A 56 -1.28 0.72 -16.23
C CYS A 56 -2.31 1.00 -17.30
N ILE A 57 -2.63 -0.04 -18.09
CA ILE A 57 -3.60 0.10 -19.16
C ILE A 57 -5.01 0.27 -18.62
N LEU A 58 -5.43 -0.59 -17.71
CA LEU A 58 -6.78 -0.47 -17.16
C LEU A 58 -6.95 0.90 -16.52
N TRP A 59 -5.91 1.41 -15.89
CA TRP A 59 -5.98 2.70 -15.25
C TRP A 59 -6.35 3.83 -16.21
N VAL A 60 -5.67 3.88 -17.33
CA VAL A 60 -5.94 4.92 -18.32
C VAL A 60 -7.25 4.65 -19.05
N VAL A 61 -7.57 3.38 -19.30
CA VAL A 61 -8.80 3.03 -20.00
C VAL A 61 -10.03 3.44 -19.20
N TYR A 62 -10.09 3.07 -17.92
CA TYR A 62 -11.25 3.44 -17.12
C TYR A 62 -10.98 3.64 -15.63
N GLY A 63 -9.85 3.13 -15.15
CA GLY A 63 -9.54 3.27 -13.73
C GLY A 63 -9.54 4.69 -13.23
N TYR A 64 -8.80 5.57 -13.91
CA TYR A 64 -8.73 6.95 -13.51
C TYR A 64 -10.10 7.61 -13.51
N SER A 65 -10.87 7.36 -14.56
CA SER A 65 -12.19 7.95 -14.67
C SER A 65 -13.12 7.52 -13.54
N LEU A 66 -13.11 6.22 -13.24
CA LEU A 66 -13.97 5.68 -12.20
C LEU A 66 -13.45 5.96 -10.79
N ALA A 67 -12.16 6.18 -10.66
CA ALA A 67 -11.59 6.44 -9.35
C ALA A 67 -11.61 7.93 -9.00
N SER A 68 -11.26 8.78 -9.97
CA SER A 68 -11.18 10.20 -9.72
C SER A 68 -12.30 11.06 -10.33
N GLY A 69 -13.06 10.49 -11.25
CA GLY A 69 -14.14 11.24 -11.84
C GLY A 69 -15.21 11.43 -10.78
N GLU A 70 -16.04 12.46 -10.94
CA GLU A 70 -17.09 12.69 -9.95
C GLU A 70 -18.27 11.78 -10.27
N GLY A 71 -18.84 11.17 -9.23
CA GLY A 71 -19.97 10.29 -9.43
C GLY A 71 -20.79 10.17 -8.17
N ASN A 72 -20.59 9.06 -7.46
CA ASN A 72 -21.31 8.82 -6.21
C ASN A 72 -20.30 8.51 -5.10
N ASN A 73 -20.77 7.93 -4.00
CA ASN A 73 -19.88 7.62 -2.90
C ASN A 73 -18.92 6.45 -3.14
N PHE A 74 -19.24 5.60 -4.12
CA PHE A 74 -18.40 4.44 -4.37
C PHE A 74 -17.58 4.45 -5.65
N PHE A 75 -18.04 5.15 -6.68
CA PHE A 75 -17.28 5.24 -7.91
C PHE A 75 -17.56 6.54 -8.64
N GLY A 76 -16.67 6.89 -9.57
CA GLY A 76 -16.82 8.11 -10.32
C GLY A 76 -17.73 7.99 -11.51
N ASN A 77 -17.16 8.18 -12.69
CA ASN A 77 -17.92 8.10 -13.93
C ASN A 77 -17.06 7.54 -15.06
N ILE A 78 -17.62 7.49 -16.26
CA ILE A 78 -16.88 6.97 -17.41
C ILE A 78 -16.70 8.06 -18.45
N ASN A 79 -16.68 9.30 -18.00
CA ASN A 79 -16.51 10.45 -18.87
C ASN A 79 -15.04 10.65 -19.26
N TRP A 80 -14.15 9.99 -18.54
CA TRP A 80 -12.71 10.11 -18.82
C TRP A 80 -12.09 8.81 -19.29
N LEU A 81 -12.87 7.98 -19.98
CA LEU A 81 -12.34 6.72 -20.49
C LEU A 81 -11.22 7.06 -21.46
N LEU A 83 -8.89 8.76 -20.98
CA LEU A 83 -8.59 10.16 -20.73
C LEU A 83 -9.30 11.11 -21.68
N LYS A 84 -10.37 10.64 -22.28
CA LYS A 84 -11.13 11.48 -23.20
C LYS A 84 -11.67 12.67 -22.43
N ASN A 85 -11.83 13.80 -23.12
CA ASN A 85 -12.35 15.02 -22.53
C ASN A 85 -11.39 15.72 -21.57
N ILE A 86 -10.17 15.20 -21.48
CA ILE A 86 -9.17 15.84 -20.63
C ILE A 86 -8.19 16.57 -21.53
N GLU A 87 -8.29 17.89 -21.58
CA GLU A 87 -7.39 18.68 -22.40
C GLU A 87 -6.00 18.47 -21.81
N LEU A 88 -4.96 18.45 -22.63
CA LEU A 88 -3.61 18.27 -22.11
C LEU A 88 -3.26 19.36 -21.13
N THR A 89 -3.82 20.55 -21.34
CA THR A 89 -3.52 21.66 -20.44
C THR A 89 -4.46 21.73 -19.24
N ALA A 90 -5.33 20.73 -19.10
CA ALA A 90 -6.25 20.70 -17.97
C ALA A 90 -5.43 20.63 -16.67
N VAL A 91 -5.86 21.37 -15.68
CA VAL A 91 -5.17 21.41 -14.40
C VAL A 91 -6.00 20.79 -13.27
N GLY A 93 -5.68 20.51 -9.28
CA GLY A 93 -4.91 21.00 -8.16
C GLY A 93 -3.98 22.06 -8.72
N SER A 94 -2.68 21.82 -8.66
CA SER A 94 -1.73 22.79 -9.20
C SER A 94 -0.81 22.16 -10.23
N ILE A 95 -1.23 21.00 -10.74
CA ILE A 95 -0.44 20.30 -11.76
C ILE A 95 -1.33 19.92 -12.92
N TYR A 96 -0.72 19.59 -14.05
CA TYR A 96 -1.51 19.16 -15.18
C TYR A 96 -2.18 17.87 -14.80
N GLN A 97 -3.45 17.75 -15.17
CA GLN A 97 -4.23 16.57 -14.84
C GLN A 97 -3.58 15.28 -15.32
N TYR A 98 -2.88 15.34 -16.44
CA TYR A 98 -2.21 14.14 -16.95
C TYR A 98 -1.22 13.61 -15.92
N ILE A 99 -0.57 14.50 -15.18
CA ILE A 99 0.38 14.06 -14.17
C ILE A 99 -0.40 13.43 -13.03
N HIS A 100 -1.57 13.98 -12.73
CA HIS A 100 -2.42 13.46 -11.67
C HIS A 100 -2.82 12.03 -12.05
N VAL A 101 -3.14 11.83 -13.32
CA VAL A 101 -3.50 10.51 -13.82
C VAL A 101 -2.36 9.54 -13.59
N ALA A 102 -1.16 9.94 -13.98
CA ALA A 102 0.01 9.09 -13.83
C ALA A 102 0.33 8.79 -12.39
N PHE A 103 0.31 9.82 -11.55
CA PHE A 103 0.62 9.63 -10.14
C PHE A 103 -0.37 8.65 -9.50
N GLN A 104 -1.67 8.86 -9.73
CA GLN A 104 -2.64 7.96 -9.14
C GLN A 104 -2.50 6.56 -9.71
N GLY A 105 -2.15 6.47 -10.98
CA GLY A 105 -1.97 5.18 -11.60
C GLY A 105 -0.84 4.40 -10.95
N SER A 106 0.23 5.11 -10.60
CA SER A 106 1.35 4.44 -9.98
C SER A 106 0.96 3.83 -8.64
N PHE A 107 -0.03 4.42 -7.97
CA PHE A 107 -0.49 3.88 -6.70
C PHE A 107 -1.22 2.58 -6.94
N ALA A 108 -2.02 2.55 -7.99
CA ALA A 108 -2.75 1.34 -8.33
C ALA A 108 -1.74 0.23 -8.60
N CYS A 109 -0.64 0.60 -9.25
CA CYS A 109 0.39 -0.37 -9.60
C CYS A 109 1.08 -0.98 -8.39
N ILE A 110 1.53 -0.15 -7.45
CA ILE A 110 2.22 -0.74 -6.31
C ILE A 110 1.25 -1.55 -5.46
N THR A 111 -0.01 -1.11 -5.39
CA THR A 111 -0.99 -1.85 -4.60
C THR A 111 -1.14 -3.26 -5.17
N VAL A 112 -1.31 -3.36 -6.48
CA VAL A 112 -1.44 -4.65 -7.13
C VAL A 112 -0.13 -5.43 -7.01
N GLY A 113 0.99 -4.72 -7.14
CA GLY A 113 2.28 -5.37 -7.03
C GLY A 113 2.46 -6.04 -5.67
N LEU A 114 1.95 -5.40 -4.63
CA LEU A 114 2.05 -5.95 -3.28
C LEU A 114 1.36 -7.31 -3.21
N ILE A 115 0.23 -7.42 -3.88
CA ILE A 115 -0.54 -8.65 -3.89
C ILE A 115 0.10 -9.70 -4.76
N VAL A 116 0.35 -9.34 -6.01
CA VAL A 116 0.92 -10.26 -6.99
C VAL A 116 2.29 -10.79 -6.64
N GLY A 117 3.17 -9.92 -6.14
CA GLY A 117 4.50 -10.35 -5.79
C GLY A 117 4.50 -11.49 -4.78
N ALA A 118 3.58 -11.44 -3.82
CA ALA A 118 3.50 -12.47 -2.80
C ALA A 118 2.82 -13.76 -3.26
N LEU A 119 1.74 -13.62 -4.01
CA LEU A 119 0.96 -14.77 -4.46
C LEU A 119 1.28 -15.37 -5.82
N ALA A 120 1.99 -14.63 -6.66
CA ALA A 120 2.33 -15.11 -8.00
C ALA A 120 2.79 -16.56 -8.06
N GLU A 121 3.69 -16.93 -7.15
CA GLU A 121 4.24 -18.27 -7.12
C GLU A 121 3.23 -19.38 -6.89
N ARG A 122 2.05 -19.04 -6.39
CA ARG A 122 1.06 -20.08 -6.12
C ARG A 122 -0.21 -19.93 -6.94
N ILE A 123 -0.23 -18.94 -7.83
CA ILE A 123 -1.40 -18.71 -8.66
C ILE A 123 -1.10 -18.83 -10.16
N ARG A 124 -2.01 -19.45 -10.90
CA ARG A 124 -1.82 -19.62 -12.33
C ARG A 124 -1.75 -18.23 -12.97
N PHE A 125 -0.92 -18.10 -13.99
CA PHE A 125 -0.76 -16.81 -14.66
C PHE A 125 -2.09 -16.24 -15.15
N PRO A 126 -2.95 -16.99 -15.91
CA PRO A 126 -4.14 -16.56 -16.40
C PRO A 126 -5.11 -16.13 -15.24
N ALA A 127 -4.97 -16.86 -14.13
CA ALA A 127 -5.79 -16.58 -12.97
C ALA A 127 -5.44 -15.26 -12.31
N VAL A 128 -4.14 -14.92 -12.27
CA VAL A 128 -3.75 -13.67 -11.64
C VAL A 128 -4.25 -12.49 -12.47
N LEU A 129 -4.28 -12.67 -13.79
CA LEU A 129 -4.76 -11.62 -14.68
C LEU A 129 -6.23 -11.37 -14.41
N ILE A 130 -7.00 -12.45 -14.30
CA ILE A 130 -8.42 -12.33 -14.03
C ILE A 130 -8.62 -11.68 -12.67
N PHE A 131 -7.86 -12.13 -11.68
CA PHE A 131 -7.98 -11.56 -10.34
C PHE A 131 -7.71 -10.06 -10.33
N VAL A 132 -6.62 -9.66 -10.96
CA VAL A 132 -6.27 -8.25 -11.01
C VAL A 132 -7.38 -7.43 -11.64
N VAL A 133 -7.92 -7.91 -12.76
CA VAL A 133 -9.00 -7.17 -13.42
C VAL A 133 -10.16 -6.98 -12.44
N VAL A 134 -10.58 -8.08 -11.82
CA VAL A 134 -11.69 -8.01 -10.88
C VAL A 134 -11.40 -7.15 -9.66
N TRP A 135 -10.28 -7.41 -8.99
CA TRP A 135 -9.95 -6.66 -7.79
C TRP A 135 -9.60 -5.19 -8.03
N LEU A 136 -8.88 -4.90 -9.10
CA LEU A 136 -8.53 -3.51 -9.39
C LEU A 136 -9.80 -2.72 -9.67
N THR A 137 -10.64 -3.30 -10.52
CA THR A 137 -11.89 -2.67 -10.94
C THR A 137 -12.92 -2.51 -9.83
N LEU A 138 -13.10 -3.54 -9.01
CA LEU A 138 -14.13 -3.48 -7.98
C LEU A 138 -13.70 -3.16 -6.56
N SER A 139 -12.41 -3.25 -6.27
CA SER A 139 -11.94 -2.93 -4.93
C SER A 139 -11.04 -1.71 -4.93
N TYR A 140 -9.97 -1.75 -5.71
CA TYR A 140 -9.06 -0.62 -5.73
C TYR A 140 -9.73 0.67 -6.19
N ILE A 141 -10.34 0.63 -7.36
CA ILE A 141 -10.99 1.81 -7.92
C ILE A 141 -12.05 2.39 -6.97
N PRO A 142 -12.98 1.56 -6.48
CA PRO A 142 -14.00 2.09 -5.57
C PRO A 142 -13.40 2.67 -4.29
N ILE A 143 -12.47 1.94 -3.67
CA ILE A 143 -11.86 2.41 -2.44
C ILE A 143 -11.06 3.69 -2.70
N ALA A 144 -10.38 3.75 -3.84
CA ALA A 144 -9.61 4.93 -4.19
C ALA A 144 -10.57 6.10 -4.34
N HIS A 145 -11.73 5.82 -4.91
CA HIS A 145 -12.73 6.88 -5.10
C HIS A 145 -13.28 7.30 -3.75
N VAL A 147 -11.82 7.28 -0.85
CA VAL A 147 -10.85 8.03 -0.05
C VAL A 147 -10.27 9.27 -0.74
N TRP A 148 -9.91 9.15 -2.02
CA TRP A 148 -9.32 10.26 -2.73
C TRP A 148 -10.16 10.84 -3.85
N GLY A 149 -11.29 10.20 -4.13
CA GLY A 149 -12.15 10.69 -5.19
C GLY A 149 -13.41 11.37 -4.68
N GLY A 150 -13.37 11.84 -3.45
CA GLY A 150 -14.53 12.52 -2.87
C GLY A 150 -15.66 11.56 -2.54
N GLY A 151 -15.31 10.28 -2.39
CA GLY A 151 -16.30 9.27 -2.08
C GLY A 151 -16.74 9.21 -0.63
N LEU A 152 -17.32 8.07 -0.27
CA LEU A 152 -17.85 7.83 1.08
C LEU A 152 -16.91 8.17 2.23
N LEU A 153 -15.72 7.59 2.23
CA LEU A 153 -14.78 7.83 3.31
C LEU A 153 -14.30 9.28 3.39
N ALA A 154 -14.02 9.89 2.25
CA ALA A 154 -13.59 11.28 2.25
C ALA A 154 -14.73 12.14 2.77
N SER A 155 -15.97 11.79 2.43
CA SER A 155 -17.13 12.56 2.87
C SER A 155 -17.28 12.49 4.37
N HIS A 156 -16.87 11.35 4.95
CA HIS A 156 -16.97 11.16 6.40
C HIS A 156 -15.77 11.76 7.13
N GLY A 157 -14.82 12.30 6.36
CA GLY A 157 -13.66 12.93 6.96
C GLY A 157 -12.54 11.98 7.35
N ALA A 158 -12.49 10.82 6.73
CA ALA A 158 -11.45 9.85 7.02
C ALA A 158 -10.11 10.47 6.65
N LEU A 159 -9.14 10.34 7.56
CA LEU A 159 -7.81 10.88 7.31
C LEU A 159 -6.92 9.76 6.80
N ASP A 160 -6.39 9.95 5.60
CA ASP A 160 -5.50 8.97 4.99
C ASP A 160 -4.71 9.72 3.94
N PHE A 161 -3.60 10.28 4.36
CA PHE A 161 -2.79 11.08 3.46
C PHE A 161 -2.31 10.37 2.20
N ALA A 162 -1.67 9.21 2.36
CA ALA A 162 -1.13 8.51 1.20
C ALA A 162 -1.59 7.08 0.94
N GLY A 163 -2.60 6.60 1.65
CA GLY A 163 -3.09 5.26 1.36
C GLY A 163 -3.00 4.14 2.37
N GLY A 164 -3.16 4.44 3.65
CA GLY A 164 -3.12 3.38 4.63
C GLY A 164 -4.25 2.42 4.32
N THR A 165 -5.35 2.97 3.80
CA THR A 165 -6.49 2.14 3.43
C THR A 165 -6.47 1.72 1.98
N VAL A 166 -6.44 2.69 1.08
CA VAL A 166 -6.46 2.44 -0.35
C VAL A 166 -5.38 1.49 -0.84
N VAL A 167 -4.18 1.62 -0.30
CA VAL A 167 -3.08 0.77 -0.73
C VAL A 167 -2.79 -0.40 0.20
N HIS A 168 -2.34 -0.09 1.40
CA HIS A 168 -1.94 -1.12 2.34
C HIS A 168 -2.97 -2.07 2.91
N ILE A 169 -3.99 -1.54 3.56
CA ILE A 169 -5.02 -2.42 4.12
C ILE A 169 -5.72 -3.14 2.97
N ASN A 170 -6.03 -2.38 1.93
CA ASN A 170 -6.71 -2.90 0.75
C ASN A 170 -5.96 -4.11 0.18
N ALA A 171 -4.67 -3.93 -0.07
CA ALA A 171 -3.84 -5.01 -0.61
C ALA A 171 -3.64 -6.14 0.39
N ALA A 172 -3.41 -5.78 1.66
CA ALA A 172 -3.18 -6.77 2.70
C ALA A 172 -4.32 -7.77 2.81
N ILE A 173 -5.55 -7.27 2.84
CA ILE A 173 -6.69 -8.16 2.93
C ILE A 173 -6.82 -9.01 1.68
N ALA A 174 -6.62 -8.40 0.51
CA ALA A 174 -6.72 -9.16 -0.74
C ALA A 174 -5.67 -10.26 -0.74
N GLY A 175 -4.47 -9.92 -0.28
CA GLY A 175 -3.40 -10.90 -0.24
C GLY A 175 -3.66 -12.02 0.76
N LEU A 176 -4.16 -11.66 1.93
CA LEU A 176 -4.44 -12.66 2.96
C LEU A 176 -5.57 -13.58 2.53
N VAL A 177 -6.55 -13.05 1.80
CA VAL A 177 -7.64 -13.88 1.33
C VAL A 177 -7.05 -14.86 0.31
N GLY A 178 -6.11 -14.37 -0.49
CA GLY A 178 -5.47 -15.22 -1.47
C GLY A 178 -4.69 -16.33 -0.80
N ALA A 179 -3.98 -15.99 0.27
CA ALA A 179 -3.19 -16.97 0.99
C ALA A 179 -4.12 -18.00 1.63
N TYR A 180 -5.32 -17.54 2.01
CA TYR A 180 -6.31 -18.40 2.64
C TYR A 180 -6.91 -19.38 1.64
N LEU A 181 -7.24 -18.88 0.45
CA LEU A 181 -7.86 -19.71 -0.59
C LEU A 181 -6.87 -20.56 -1.37
N ILE A 182 -5.68 -20.03 -1.63
CA ILE A 182 -4.68 -20.75 -2.40
C ILE A 182 -3.61 -21.39 -1.54
N GLY A 183 -3.58 -22.71 -1.54
CA GLY A 183 -2.59 -23.41 -0.75
C GLY A 183 -1.25 -23.45 -1.45
N LYS A 184 -0.21 -23.72 -0.66
CA LYS A 184 1.13 -23.78 -1.18
C LYS A 184 1.92 -24.86 -0.46
N ARG A 185 2.46 -25.80 -1.23
CA ARG A 185 3.25 -26.88 -0.67
C ARG A 185 4.63 -26.34 -0.32
N VAL A 186 5.00 -26.44 0.95
CA VAL A 186 6.30 -25.97 1.39
C VAL A 186 7.32 -27.10 1.24
N GLY A 187 8.25 -26.94 0.31
CA GLY A 187 9.26 -27.96 0.09
C GLY A 187 10.07 -28.23 1.35
N PHE A 188 10.61 -29.44 1.44
CA PHE A 188 11.42 -29.80 2.60
C PHE A 188 12.69 -28.97 2.61
N GLY A 189 12.97 -28.35 3.75
CA GLY A 189 14.16 -27.52 3.88
C GLY A 189 13.92 -26.09 3.48
N LYS A 190 12.67 -25.78 3.08
CA LYS A 190 12.33 -24.44 2.67
C LYS A 190 11.31 -23.81 3.62
N GLU A 191 11.39 -24.21 4.89
CA GLU A 191 10.47 -23.72 5.90
C GLU A 191 10.80 -22.31 6.41
N ALA A 192 12.00 -21.84 6.10
CA ALA A 192 12.42 -20.50 6.51
C ALA A 192 12.99 -19.79 5.30
N PHE A 193 12.89 -18.47 5.29
CA PHE A 193 13.43 -17.69 4.18
C PHE A 193 14.90 -18.03 4.03
N LYS A 194 15.36 -18.24 2.80
CA LYS A 194 16.76 -18.56 2.55
C LYS A 194 17.60 -17.30 2.76
N PRO A 195 18.52 -17.35 3.74
CA PRO A 195 19.39 -16.21 4.05
C PRO A 195 20.15 -15.66 2.84
N HIS A 196 20.57 -16.54 1.96
CA HIS A 196 21.33 -16.14 0.78
C HIS A 196 20.60 -15.15 -0.12
N ASN A 197 19.27 -15.22 -0.14
CA ASN A 197 18.46 -14.34 -0.98
C ASN A 197 18.02 -13.06 -0.28
N LEU A 198 18.32 -12.96 1.02
CA LEU A 198 17.91 -11.78 1.78
C LEU A 198 18.49 -10.45 1.30
N PRO A 199 19.69 -10.46 0.68
CA PRO A 199 20.19 -9.15 0.24
C PRO A 199 19.23 -8.55 -0.79
N VAL A 201 16.02 -8.84 -0.63
CA VAL A 201 14.90 -8.32 0.15
C VAL A 201 15.32 -6.93 0.60
N PHE A 202 16.57 -6.81 1.05
CA PHE A 202 17.08 -5.53 1.50
C PHE A 202 17.03 -4.53 0.34
N THR A 203 17.51 -4.95 -0.82
CA THR A 203 17.52 -4.08 -1.98
C THR A 203 16.11 -3.63 -2.34
N GLY A 204 15.16 -4.57 -2.32
CA GLY A 204 13.80 -4.23 -2.63
C GLY A 204 13.25 -3.25 -1.60
N THR A 205 13.56 -3.52 -0.33
CA THR A 205 13.11 -2.65 0.75
C THR A 205 13.66 -1.25 0.52
N ALA A 206 14.94 -1.18 0.15
CA ALA A 206 15.58 0.11 -0.10
C ALA A 206 14.88 0.87 -1.21
N ILE A 207 14.59 0.19 -2.30
CA ILE A 207 13.92 0.82 -3.42
C ILE A 207 12.51 1.26 -3.02
N LEU A 208 11.82 0.42 -2.26
CA LEU A 208 10.48 0.78 -1.80
C LEU A 208 10.58 2.03 -0.93
N TYR A 209 11.59 2.06 -0.06
CA TYR A 209 11.80 3.20 0.82
C TYR A 209 12.03 4.49 0.04
N ILE A 210 12.97 4.46 -0.90
CA ILE A 210 13.24 5.65 -1.68
C ILE A 210 12.04 6.06 -2.51
N GLY A 211 11.38 5.09 -3.13
CA GLY A 211 10.21 5.41 -3.93
C GLY A 211 9.09 5.93 -3.06
N TRP A 212 9.07 5.49 -1.80
CA TRP A 212 8.03 5.90 -0.88
C TRP A 212 8.01 7.39 -0.62
N PHE A 213 9.12 8.06 -0.89
CA PHE A 213 9.13 9.51 -0.70
C PHE A 213 8.24 10.12 -1.76
N GLY A 214 8.23 9.53 -2.95
CA GLY A 214 7.37 10.07 -3.99
C GLY A 214 5.93 9.76 -3.62
N PHE A 215 5.75 8.59 -3.03
CA PHE A 215 4.46 8.08 -2.60
C PHE A 215 3.86 8.99 -1.51
N ASN A 216 4.59 9.18 -0.43
CA ASN A 216 4.11 10.02 0.66
C ASN A 216 4.16 11.52 0.40
N ALA A 217 5.32 12.04 0.04
CA ALA A 217 5.43 13.47 -0.21
C ALA A 217 4.63 13.89 -1.43
N GLY A 218 4.61 13.04 -2.45
CA GLY A 218 3.87 13.36 -3.66
C GLY A 218 2.38 13.45 -3.39
N SER A 219 1.93 12.80 -2.33
CA SER A 219 0.51 12.82 -2.00
C SER A 219 0.05 14.21 -1.60
N ALA A 220 1.00 15.13 -1.40
CA ALA A 220 0.66 16.51 -1.09
C ALA A 220 0.17 17.19 -2.37
N GLY A 221 0.59 16.64 -3.51
CA GLY A 221 0.19 17.18 -4.81
C GLY A 221 0.90 18.46 -5.18
N THR A 222 1.87 18.84 -4.37
CA THR A 222 2.62 20.06 -4.59
C THR A 222 3.88 20.01 -3.74
N ALA A 223 4.92 20.69 -4.20
CA ALA A 223 6.18 20.72 -3.46
C ALA A 223 6.09 21.85 -2.44
N ASN A 224 5.22 21.66 -1.44
CA ASN A 224 5.02 22.67 -0.42
C ASN A 224 5.47 22.19 0.96
N GLU A 225 5.01 22.89 1.99
CA GLU A 225 5.40 22.54 3.35
C GLU A 225 4.80 21.22 3.81
N ILE A 226 3.67 20.84 3.22
CA ILE A 226 3.05 19.57 3.59
C ILE A 226 3.86 18.43 2.98
N ALA A 227 4.35 18.64 1.77
CA ALA A 227 5.17 17.64 1.12
C ALA A 227 6.43 17.49 1.97
N ALA A 228 6.97 18.62 2.43
CA ALA A 228 8.17 18.62 3.25
C ALA A 228 7.92 17.86 4.55
N LEU A 229 6.78 18.12 5.16
CA LEU A 229 6.41 17.45 6.41
C LEU A 229 6.32 15.96 6.18
N ALA A 230 5.58 15.57 5.13
CA ALA A 230 5.40 14.17 4.78
C ALA A 230 6.76 13.52 4.55
N PHE A 231 7.64 14.25 3.88
CA PHE A 231 8.96 13.72 3.60
C PHE A 231 9.72 13.45 4.89
N VAL A 232 9.78 14.44 5.77
CA VAL A 232 10.48 14.28 7.04
C VAL A 232 9.86 13.17 7.88
N ASN A 233 8.53 13.15 7.94
CA ASN A 233 7.85 12.12 8.71
C ASN A 233 8.10 10.73 8.17
N THR A 234 8.34 10.65 6.86
CA THR A 234 8.61 9.35 6.25
C THR A 234 9.99 8.90 6.72
N VAL A 235 10.94 9.82 6.73
CA VAL A 235 12.28 9.48 7.18
C VAL A 235 12.23 9.04 8.63
N VAL A 236 11.55 9.83 9.45
CA VAL A 236 11.45 9.55 10.87
C VAL A 236 10.68 8.29 11.24
N ALA A 237 9.48 8.12 10.68
CA ALA A 237 8.68 6.95 11.00
C ALA A 237 9.37 5.67 10.57
N THR A 238 10.02 5.70 9.42
CA THR A 238 10.71 4.52 8.94
C THR A 238 11.83 4.16 9.91
N ALA A 239 12.64 5.15 10.25
CA ALA A 239 13.75 4.97 11.17
C ALA A 239 13.27 4.45 12.52
N ALA A 240 12.21 5.07 13.05
CA ALA A 240 11.67 4.66 14.34
C ALA A 240 11.13 3.24 14.30
N ALA A 241 10.54 2.85 13.18
CA ALA A 241 9.99 1.50 13.05
C ALA A 241 11.09 0.47 12.92
N ILE A 242 12.18 0.84 12.24
CA ILE A 242 13.30 -0.06 12.09
C ILE A 242 13.82 -0.34 13.49
N LEU A 243 13.98 0.72 14.28
CA LEU A 243 14.48 0.57 15.63
C LEU A 243 13.48 -0.15 16.52
N GLY A 244 12.20 0.17 16.36
CA GLY A 244 11.19 -0.48 17.16
C GLY A 244 11.16 -1.97 16.89
N TRP A 245 11.14 -2.36 15.63
CA TRP A 245 11.11 -3.76 15.25
C TRP A 245 12.36 -4.48 15.75
N ILE A 246 13.52 -3.90 15.44
CA ILE A 246 14.80 -4.48 15.84
C ILE A 246 14.90 -4.61 17.35
N PHE A 247 14.37 -3.63 18.08
CA PHE A 247 14.42 -3.68 19.53
C PHE A 247 13.55 -4.84 20.01
N GLY A 248 12.34 -4.92 19.48
CA GLY A 248 11.44 -5.99 19.86
C GLY A 248 12.00 -7.35 19.49
N GLU A 249 12.58 -7.44 18.30
CA GLU A 249 13.16 -8.68 17.83
C GLU A 249 14.33 -9.08 18.73
N TRP A 250 15.12 -8.09 19.10
CA TRP A 250 16.27 -8.32 19.96
C TRP A 250 15.86 -8.86 21.32
N ALA A 251 14.78 -8.31 21.85
CA ALA A 251 14.27 -8.72 23.16
C ALA A 251 13.50 -10.02 23.07
N LEU A 252 13.03 -10.35 21.87
CA LEU A 252 12.25 -11.56 21.65
C LEU A 252 13.11 -12.73 21.19
N ARG A 253 14.12 -12.44 20.38
CA ARG A 253 14.99 -13.48 19.84
C ARG A 253 16.45 -13.38 20.29
N GLY A 254 16.79 -12.32 21.01
CA GLY A 254 18.14 -12.15 21.50
C GLY A 254 19.09 -11.51 20.50
N LEU A 255 18.62 -11.29 19.27
CA LEU A 255 19.46 -10.69 18.26
C LEU A 255 18.66 -10.08 17.12
N PRO A 256 19.17 -8.99 16.52
CA PRO A 256 18.47 -8.36 15.41
C PRO A 256 18.73 -9.19 14.16
N SER A 257 17.91 -9.02 13.13
CA SER A 257 18.12 -9.73 11.88
C SER A 257 17.88 -8.78 10.74
N LEU A 258 18.45 -9.08 9.58
CA LEU A 258 18.28 -8.24 8.41
C LEU A 258 16.80 -8.15 8.05
N LEU A 259 16.13 -9.30 8.03
CA LEU A 259 14.73 -9.33 7.69
C LEU A 259 13.93 -8.49 8.68
N GLY A 260 14.36 -8.50 9.94
CA GLY A 260 13.68 -7.72 10.96
C GLY A 260 13.86 -6.24 10.66
N ALA A 261 15.07 -5.84 10.32
CA ALA A 261 15.36 -4.45 10.02
C ALA A 261 14.54 -3.99 8.82
N CYS A 262 14.50 -4.82 7.78
CA CYS A 262 13.75 -4.48 6.57
C CYS A 262 12.26 -4.43 6.84
N SER A 263 11.77 -5.40 7.60
CA SER A 263 10.35 -5.44 7.93
C SER A 263 9.99 -4.21 8.74
N GLY A 264 10.91 -3.81 9.63
CA GLY A 264 10.68 -2.63 10.45
C GLY A 264 10.53 -1.41 9.55
N ALA A 265 11.38 -1.31 8.54
CA ALA A 265 11.32 -0.18 7.61
C ALA A 265 9.95 -0.15 6.95
N ILE A 266 9.54 -1.28 6.40
CA ILE A 266 8.24 -1.36 5.74
C ILE A 266 7.13 -1.03 6.74
N ALA A 267 7.26 -1.54 7.96
CA ALA A 267 6.26 -1.28 8.98
C ALA A 267 6.07 0.22 9.22
N GLY A 268 7.19 0.94 9.32
CA GLY A 268 7.11 2.38 9.54
C GLY A 268 6.58 3.11 8.32
N LEU A 269 7.00 2.66 7.14
CA LEU A 269 6.54 3.28 5.91
C LEU A 269 5.05 3.11 5.78
N VAL A 270 4.56 1.91 6.06
CA VAL A 270 3.13 1.65 5.98
C VAL A 270 2.40 2.44 7.06
N GLY A 271 2.89 2.34 8.28
CA GLY A 271 2.25 3.04 9.38
C GLY A 271 2.11 4.53 9.17
N VAL A 272 3.16 5.17 8.64
CA VAL A 272 3.14 6.61 8.45
C VAL A 272 2.41 7.05 7.18
N THR A 273 2.15 6.10 6.28
CA THR A 273 1.48 6.41 5.02
C THR A 273 0.20 7.23 5.19
N PRO A 274 -0.74 6.78 6.04
CA PRO A 274 -1.97 7.57 6.20
C PRO A 274 -1.79 8.85 7.02
N ALA A 275 -0.74 8.88 7.83
CA ALA A 275 -0.51 9.99 8.74
C ALA A 275 0.52 11.05 8.37
N CYS A 276 1.44 10.72 7.48
CA CYS A 276 2.54 11.62 7.15
C CYS A 276 2.28 13.11 6.93
N GLY A 277 1.20 13.46 6.25
CA GLY A 277 0.95 14.88 6.03
C GLY A 277 0.09 15.54 7.10
N TYR A 278 -0.32 14.76 8.10
CA TYR A 278 -1.18 15.29 9.16
C TYR A 278 -0.58 15.34 10.54
N ILE A 279 0.58 14.72 10.72
CA ILE A 279 1.21 14.68 12.03
C ILE A 279 2.52 15.45 12.14
N GLY A 280 2.96 15.63 13.37
CA GLY A 280 4.22 16.30 13.62
C GLY A 280 5.29 15.23 13.63
N VAL A 281 6.56 15.61 13.61
CA VAL A 281 7.66 14.66 13.61
C VAL A 281 7.65 13.78 14.86
N GLY A 282 7.21 14.35 15.96
CA GLY A 282 7.16 13.57 17.19
C GLY A 282 6.12 12.47 17.03
N GLY A 283 5.02 12.80 16.37
CA GLY A 283 3.98 11.82 16.14
C GLY A 283 4.50 10.75 15.18
N ALA A 284 5.30 11.18 14.22
CA ALA A 284 5.86 10.23 13.25
C ALA A 284 6.78 9.24 13.95
N LEU A 285 7.56 9.73 14.91
CA LEU A 285 8.48 8.88 15.65
C LEU A 285 7.69 7.86 16.46
N ILE A 286 6.65 8.31 17.13
CA ILE A 286 5.82 7.42 17.93
C ILE A 286 5.08 6.41 17.05
N ILE A 287 4.49 6.87 15.96
CA ILE A 287 3.79 5.96 15.07
C ILE A 287 4.79 4.95 14.52
N GLY A 288 5.99 5.42 14.21
CA GLY A 288 7.01 4.52 13.69
C GLY A 288 7.33 3.42 14.68
N VAL A 289 7.64 3.79 15.93
CA VAL A 289 7.96 2.80 16.94
C VAL A 289 6.82 1.82 17.13
N VAL A 290 5.61 2.33 17.26
CA VAL A 290 4.46 1.46 17.44
C VAL A 290 4.21 0.58 16.23
N ALA A 291 4.36 1.13 15.03
CA ALA A 291 4.15 0.35 13.82
C ALA A 291 5.18 -0.77 13.74
N GLY A 292 6.42 -0.45 14.11
CA GLY A 292 7.47 -1.45 14.08
C GLY A 292 7.14 -2.60 15.01
N LEU A 293 6.73 -2.26 16.22
CA LEU A 293 6.38 -3.30 17.21
C LEU A 293 5.10 -4.03 16.79
N ALA A 294 4.15 -3.29 16.25
CA ALA A 294 2.89 -3.89 15.81
C ALA A 294 3.15 -4.85 14.66
N GLY A 295 4.03 -4.45 13.74
CA GLY A 295 4.36 -5.30 12.62
C GLY A 295 5.01 -6.59 13.09
N LEU A 296 5.94 -6.47 14.03
CA LEU A 296 6.61 -7.63 14.58
C LEU A 296 5.57 -8.56 15.21
N TRP A 297 4.64 -7.96 15.96
CA TRP A 297 3.58 -8.73 16.59
C TRP A 297 2.76 -9.44 15.52
N GLY A 298 2.40 -8.69 14.47
CA GLY A 298 1.60 -9.24 13.40
C GLY A 298 2.22 -10.45 12.70
N VAL A 299 3.47 -10.33 12.28
CA VAL A 299 4.11 -11.44 11.60
C VAL A 299 4.32 -12.60 12.55
N THR A 300 4.51 -12.30 13.83
CA THR A 300 4.70 -13.33 14.84
C THR A 300 3.41 -14.13 14.92
N LEU A 302 1.11 -14.35 12.50
CA LEU A 302 0.93 -15.08 11.25
C LEU A 302 1.74 -16.37 11.27
N LYS A 303 2.91 -16.32 11.91
CA LYS A 303 3.80 -17.47 12.01
C LYS A 303 3.09 -18.59 12.77
N ARG A 304 2.23 -18.22 13.71
CA ARG A 304 1.51 -19.21 14.51
C ARG A 304 0.45 -19.91 13.66
N LEU A 305 -0.06 -19.21 12.66
CA LEU A 305 -1.08 -19.77 11.76
C LEU A 305 -0.42 -20.52 10.62
N LEU A 306 0.60 -19.92 10.04
CA LEU A 306 1.31 -20.54 8.92
C LEU A 306 2.33 -21.53 9.44
N ARG A 307 3.11 -21.11 10.43
CA ARG A 307 4.11 -22.01 10.99
C ARG A 307 5.40 -22.08 10.13
N VAL A 308 5.36 -21.38 8.99
CA VAL A 308 6.58 -21.37 8.11
CA VAL A 308 6.50 -21.36 8.09
C VAL A 308 6.66 -19.95 7.53
N ASP A 309 7.87 -19.61 7.06
CA ASP A 309 8.10 -18.29 6.50
C ASP A 309 7.40 -18.33 5.16
N ASP A 310 6.71 -17.25 4.82
CA ASP A 310 6.01 -17.20 3.55
C ASP A 310 5.95 -15.75 3.11
N PRO A 311 6.09 -15.49 1.80
CA PRO A 311 6.03 -14.11 1.34
C PRO A 311 4.75 -13.40 1.75
N CYS A 312 3.68 -14.16 1.94
CA CYS A 312 2.41 -13.56 2.33
C CYS A 312 2.48 -12.98 3.74
N ASP A 313 3.59 -13.24 4.44
CA ASP A 313 3.78 -12.70 5.78
C ASP A 313 3.82 -11.18 5.65
N VAL A 314 4.22 -10.72 4.46
CA VAL A 314 4.30 -9.29 4.15
C VAL A 314 2.96 -8.62 4.41
N PHE A 315 1.87 -9.32 4.10
CA PHE A 315 0.54 -8.77 4.31
C PHE A 315 0.24 -8.54 5.78
N GLY A 316 0.92 -9.28 6.65
CA GLY A 316 0.73 -9.08 8.07
C GLY A 316 1.22 -7.70 8.43
N VAL A 317 2.32 -7.29 7.82
CA VAL A 317 2.90 -5.97 8.09
C VAL A 317 2.04 -4.87 7.47
N HIS A 318 1.71 -5.01 6.19
CA HIS A 318 0.89 -3.99 5.54
C HIS A 318 -0.48 -3.88 6.18
N GLY A 319 -1.05 -5.03 6.55
CA GLY A 319 -2.36 -5.04 7.17
C GLY A 319 -2.36 -4.48 8.58
N VAL A 320 -1.54 -5.06 9.45
CA VAL A 320 -1.47 -4.59 10.83
C VAL A 320 -0.96 -3.17 10.92
N CYS A 321 0.14 -2.87 10.24
CA CYS A 321 0.68 -1.53 10.30
C CYS A 321 -0.21 -0.52 9.60
N GLY A 322 -0.93 -0.96 8.58
CA GLY A 322 -1.85 -0.07 7.90
C GLY A 322 -2.95 0.31 8.86
N ILE A 323 -3.47 -0.68 9.58
CA ILE A 323 -4.52 -0.46 10.55
C ILE A 323 -4.02 0.45 11.68
N VAL A 324 -2.85 0.11 12.21
CA VAL A 324 -2.26 0.90 13.29
C VAL A 324 -2.03 2.34 12.84
N GLY A 325 -1.47 2.51 11.65
CA GLY A 325 -1.22 3.84 11.13
C GLY A 325 -2.49 4.63 10.95
N CYS A 326 -3.52 4.00 10.40
CA CYS A 326 -4.79 4.69 10.19
C CYS A 326 -5.41 5.10 11.49
N ILE A 327 -5.39 4.23 12.50
CA ILE A 327 -5.95 4.56 13.80
C ILE A 327 -5.16 5.68 14.46
N THR A 329 -3.45 7.94 13.16
CA THR A 329 -3.56 9.21 12.44
C THR A 329 -4.68 9.99 13.11
N GLY A 330 -5.69 9.26 13.58
CA GLY A 330 -6.82 9.88 14.24
C GLY A 330 -6.43 10.52 15.55
N ILE A 331 -5.28 10.11 16.08
CA ILE A 331 -4.78 10.67 17.33
C ILE A 331 -3.76 11.77 17.08
N PHE A 332 -2.71 11.42 16.35
CA PHE A 332 -1.64 12.38 16.11
C PHE A 332 -1.89 13.52 15.14
N ALA A 333 -3.06 13.54 14.52
CA ALA A 333 -3.40 14.64 13.64
C ALA A 333 -3.73 15.84 14.52
N ALA A 334 -3.92 15.60 15.83
CA ALA A 334 -4.22 16.69 16.77
C ALA A 334 -3.10 17.67 16.93
N SER A 335 -3.47 18.94 16.99
CA SER A 335 -2.47 19.98 17.24
CA SER A 335 -2.46 19.99 17.14
C SER A 335 -1.76 19.90 18.47
N SER A 336 -2.54 19.45 19.58
CA SER A 336 -1.98 19.28 20.92
C SER A 336 -0.78 18.34 20.80
N LEU A 337 -0.80 17.56 19.73
CA LEU A 337 0.25 16.58 19.46
C LEU A 337 1.15 16.99 18.29
N GLY A 338 1.03 18.24 17.85
CA GLY A 338 1.87 18.71 16.76
C GLY A 338 1.34 18.44 15.38
N GLY A 339 0.11 17.93 15.31
CA GLY A 339 -0.51 17.62 14.03
C GLY A 339 -1.16 18.82 13.35
N VAL A 340 -1.77 18.57 12.20
CA VAL A 340 -2.42 19.61 11.41
C VAL A 340 -3.76 20.07 11.92
N GLY A 341 -4.47 19.17 12.58
CA GLY A 341 -5.78 19.53 13.07
C GLY A 341 -6.82 18.63 12.51
N PHE A 342 -7.97 18.62 13.16
CA PHE A 342 -9.06 17.82 12.66
C PHE A 342 -9.92 18.80 11.93
N ALA A 343 -10.79 18.27 11.09
CA ALA A 343 -11.69 19.07 10.31
C ALA A 343 -12.67 19.79 11.23
N GLU A 344 -13.45 20.69 10.65
CA GLU A 344 -14.44 21.46 11.40
C GLU A 344 -15.37 20.59 12.23
N GLY A 345 -15.49 20.94 13.51
CA GLY A 345 -16.37 20.21 14.41
C GLY A 345 -15.92 18.83 14.82
N VAL A 346 -14.74 18.41 14.35
CA VAL A 346 -14.25 17.09 14.67
C VAL A 346 -13.41 17.03 15.93
N THR A 347 -13.70 16.02 16.76
CA THR A 347 -12.96 15.79 17.99
C THR A 347 -12.14 14.55 17.74
N GLY A 349 -12.00 11.82 19.42
CA GLY A 349 -12.83 10.63 19.55
C GLY A 349 -13.61 10.33 18.28
N HIS A 350 -14.18 11.37 17.69
CA HIS A 350 -14.94 11.18 16.47
C HIS A 350 -14.04 10.76 15.33
N GLN A 351 -12.87 11.41 15.24
CA GLN A 351 -11.94 11.07 14.16
C GLN A 351 -11.53 9.60 14.27
N LEU A 352 -11.28 9.14 15.49
CA LEU A 352 -10.89 7.75 15.68
C LEU A 352 -11.99 6.81 15.19
N LEU A 353 -13.24 7.14 15.47
CA LEU A 353 -14.34 6.31 15.01
C LEU A 353 -14.37 6.29 13.49
N VAL A 354 -14.14 7.45 12.88
CA VAL A 354 -14.13 7.54 11.43
C VAL A 354 -13.00 6.69 10.88
N GLN A 355 -11.83 6.75 11.52
CA GLN A 355 -10.70 5.95 11.07
C GLN A 355 -11.08 4.47 11.13
N LEU A 356 -11.67 4.05 12.25
CA LEU A 356 -12.08 2.67 12.42
C LEU A 356 -13.09 2.26 11.35
N GLU A 357 -14.01 3.17 11.04
CA GLU A 357 -15.02 2.88 10.02
C GLU A 357 -14.35 2.67 8.68
N SER A 358 -13.39 3.54 8.35
CA SER A 358 -12.67 3.45 7.08
C SER A 358 -11.94 2.11 7.00
N ILE A 359 -11.30 1.72 8.10
CA ILE A 359 -10.58 0.46 8.15
C ILE A 359 -11.52 -0.70 7.93
N ALA A 360 -12.62 -0.71 8.68
CA ALA A 360 -13.61 -1.79 8.59
C ALA A 360 -14.18 -1.90 7.18
N ILE A 361 -14.55 -0.78 6.59
CA ILE A 361 -15.11 -0.79 5.25
C ILE A 361 -14.09 -1.32 4.24
N THR A 362 -12.86 -0.85 4.35
CA THR A 362 -11.81 -1.28 3.44
C THR A 362 -11.56 -2.78 3.55
N ILE A 363 -11.47 -3.28 4.78
CA ILE A 363 -11.23 -4.70 5.02
C ILE A 363 -12.34 -5.56 4.42
N VAL A 364 -13.57 -5.21 4.71
CA VAL A 364 -14.70 -5.98 4.20
C VAL A 364 -14.82 -5.86 2.68
N TRP A 365 -14.73 -4.63 2.17
CA TRP A 365 -14.84 -4.39 0.74
C TRP A 365 -13.78 -5.16 -0.03
N SER A 366 -12.52 -4.96 0.34
CA SER A 366 -11.44 -5.64 -0.36
C SER A 366 -11.54 -7.16 -0.20
N GLY A 367 -11.85 -7.60 1.01
CA GLY A 367 -11.97 -9.02 1.28
C GLY A 367 -13.03 -9.68 0.42
N VAL A 368 -14.19 -9.06 0.35
CA VAL A 368 -15.29 -9.58 -0.46
C VAL A 368 -14.92 -9.59 -1.94
N VAL A 369 -14.42 -8.47 -2.44
CA VAL A 369 -14.04 -8.38 -3.84
C VAL A 369 -12.92 -9.36 -4.18
N ALA A 370 -11.92 -9.46 -3.31
CA ALA A 370 -10.81 -10.38 -3.55
C ALA A 370 -11.37 -11.80 -3.62
N PHE A 371 -12.26 -12.12 -2.69
CA PHE A 371 -12.88 -13.44 -2.66
C PHE A 371 -13.53 -13.73 -4.01
N ILE A 372 -14.35 -12.79 -4.46
CA ILE A 372 -15.03 -12.92 -5.74
C ILE A 372 -14.02 -13.06 -6.87
N GLY A 373 -12.96 -12.26 -6.82
CA GLY A 373 -11.94 -12.32 -7.84
C GLY A 373 -11.27 -13.67 -7.92
N TYR A 374 -10.83 -14.20 -6.77
CA TYR A 374 -10.17 -15.49 -6.74
C TYR A 374 -11.11 -16.59 -7.19
N LYS A 375 -12.35 -16.55 -6.74
CA LYS A 375 -13.33 -17.55 -7.11
C LYS A 375 -13.62 -17.51 -8.60
N LEU A 376 -13.79 -16.31 -9.15
CA LEU A 376 -14.05 -16.18 -10.57
C LEU A 376 -12.88 -16.78 -11.34
N ALA A 377 -11.66 -16.48 -10.90
CA ALA A 377 -10.47 -17.00 -11.56
C ALA A 377 -10.44 -18.53 -11.44
N ASP A 378 -10.76 -19.04 -10.27
CA ASP A 378 -10.75 -20.47 -10.02
C ASP A 378 -11.79 -21.18 -10.89
N LEU A 379 -13.01 -20.66 -10.89
CA LEU A 379 -14.10 -21.24 -11.67
C LEU A 379 -13.84 -21.19 -13.18
N THR A 380 -13.11 -20.18 -13.63
CA THR A 380 -12.83 -20.00 -15.04
C THR A 380 -11.58 -20.71 -15.57
N VAL A 381 -10.43 -20.45 -14.96
CA VAL A 381 -9.18 -21.05 -15.41
C VAL A 381 -8.46 -21.89 -14.37
N GLY A 382 -8.88 -21.77 -13.11
CA GLY A 382 -8.23 -22.51 -12.05
C GLY A 382 -7.21 -21.62 -11.38
N LEU A 383 -7.31 -21.50 -10.06
CA LEU A 383 -6.41 -20.66 -9.27
C LEU A 383 -5.03 -21.25 -9.04
N ARG A 384 -5.00 -22.33 -8.27
CA ARG A 384 -3.77 -23.00 -7.89
C ARG A 384 -2.88 -23.57 -9.01
N VAL A 385 -1.58 -23.35 -8.83
CA VAL A 385 -0.58 -23.82 -9.78
C VAL A 385 -0.45 -25.33 -9.67
#